data_1YFT
#
_entry.id   1YFT
#
_cell.length_a   73.912
_cell.length_b   73.912
_cell.length_c   172.905
_cell.angle_alpha   90.00
_cell.angle_beta   90.00
_cell.angle_gamma   90.00
#
_symmetry.space_group_name_H-M   'P 41 21 2'
#
loop_
_entity.id
_entity.type
_entity.pdbx_description
1 polymer 'Alanyl-tRNA synthetase'
2 non-polymer GLYCINE
3 water water
#
_entity_poly.entity_id   1
_entity_poly.type   'polypeptide(L)'
_entity_poly.pdbx_seq_one_letter_code
;MSLSAHEIRELFLSFFEKKGHTRVKSAPLVPENDPTLLFVNAGMVPFKNVFLGLEKRPYKRATSCQKCLRVSGKHNDLEQ
VGYTSRHHTFFEMLGNFSFGDYFKKEAIEYAWEFVTEVLKLPKEKLYVSVYKDDEEAYRIWNEHIGIPSERIWRLGEEDN
FWQMGDVGPCGPSSEIYVDRGEEYEGDERYLEIWNLVFMQYNRDENGVLTPLPHPNIDTGMGLERIASVLQGKNSNFEID
IIFPLIQFGEEVSGKKYGEKFETDVALRVIADHLRAITFAISDGVIPSNEGRGYVIRRILRRAMRFGYKLGIENPFLYKG
VDLVVDIMKEPYPELELSREFVKGIVKGEEKRFIKTLKAGMEYIQEVIQKALEEGRKTLSGKEVFTAYDTYGFPVDLIDE
IAREKGLGIDLEGFQCELEEQRERARKHFKVEAKKVKPVYSHLKELGKTSAFVGAAALEHHHHHH
;
_entity_poly.pdbx_strand_id   A
#
# COMPACT_ATOMS: atom_id res chain seq x y z
N SER A 2 -6.21 10.03 23.26
CA SER A 2 -7.24 9.33 22.43
C SER A 2 -6.66 8.10 21.75
N LEU A 3 -5.75 7.43 22.45
CA LEU A 3 -5.07 6.22 21.95
C LEU A 3 -4.06 6.49 20.84
N SER A 4 -2.81 6.15 21.12
CA SER A 4 -1.73 6.34 20.17
C SER A 4 -1.67 5.14 19.22
N ALA A 5 -1.02 5.31 18.08
CA ALA A 5 -0.89 4.24 17.11
C ALA A 5 -0.32 3.00 17.81
N HIS A 6 0.81 3.19 18.47
CA HIS A 6 1.49 2.13 19.22
C HIS A 6 0.55 1.41 20.20
N GLU A 7 -0.29 2.17 20.90
CA GLU A 7 -1.24 1.62 21.86
C GLU A 7 -2.25 0.71 21.18
N ILE A 8 -2.90 1.23 20.13
CA ILE A 8 -3.90 0.45 19.41
C ILE A 8 -3.33 -0.89 18.95
N ARG A 9 -2.10 -0.89 18.46
CA ARG A 9 -1.48 -2.12 18.00
C ARG A 9 -1.33 -3.12 19.15
N GLU A 10 -0.86 -2.65 20.29
CA GLU A 10 -0.69 -3.59 21.40
C GLU A 10 -2.03 -4.12 21.86
N LEU A 11 -3.00 -3.23 22.03
CA LEU A 11 -4.34 -3.61 22.46
C LEU A 11 -4.93 -4.67 21.55
N PHE A 12 -4.75 -4.52 20.24
CA PHE A 12 -5.27 -5.51 19.31
C PHE A 12 -4.60 -6.87 19.53
N LEU A 13 -3.28 -6.92 19.38
CA LEU A 13 -2.53 -8.16 19.57
C LEU A 13 -2.83 -8.85 20.91
N SER A 14 -2.75 -8.09 21.99
CA SER A 14 -3.01 -8.64 23.32
C SER A 14 -4.44 -9.13 23.43
N PHE A 15 -5.37 -8.33 22.94
CA PHE A 15 -6.77 -8.69 23.00
C PHE A 15 -7.05 -10.08 22.42
N PHE A 16 -6.42 -10.39 21.30
CA PHE A 16 -6.62 -11.66 20.64
C PHE A 16 -5.87 -12.85 21.25
N GLU A 17 -4.75 -12.57 21.90
CA GLU A 17 -3.99 -13.63 22.56
C GLU A 17 -4.88 -14.09 23.68
N LYS A 18 -5.66 -13.13 24.16
CA LYS A 18 -6.60 -13.30 25.24
C LYS A 18 -7.73 -14.22 24.78
N LYS A 19 -7.97 -14.17 23.47
CA LYS A 19 -9.00 -14.98 22.83
C LYS A 19 -8.34 -16.25 22.30
N GLY A 20 -7.22 -16.63 22.89
CA GLY A 20 -6.52 -17.85 22.47
C GLY A 20 -5.69 -17.78 21.20
N HIS A 21 -5.67 -16.62 20.54
CA HIS A 21 -4.89 -16.47 19.32
C HIS A 21 -3.41 -16.46 19.69
N THR A 22 -2.55 -16.80 18.74
CA THR A 22 -1.11 -16.82 19.01
C THR A 22 -0.39 -15.72 18.26
N ARG A 23 0.07 -14.71 19.00
CA ARG A 23 0.78 -13.61 18.40
C ARG A 23 1.88 -14.15 17.46
N VAL A 24 1.76 -13.80 16.20
CA VAL A 24 2.74 -14.22 15.22
C VAL A 24 3.53 -13.01 14.75
N LYS A 25 4.85 -13.09 14.91
CA LYS A 25 5.77 -12.03 14.49
C LYS A 25 5.46 -11.70 13.03
N SER A 26 5.57 -10.44 12.66
CA SER A 26 5.29 -10.05 11.28
C SER A 26 6.34 -10.61 10.34
N ALA A 27 5.87 -11.15 9.22
CA ALA A 27 6.78 -11.70 8.23
C ALA A 27 7.47 -10.52 7.57
N PRO A 28 8.65 -10.73 6.98
CA PRO A 28 9.30 -9.59 6.34
C PRO A 28 8.59 -9.22 5.04
N LEU A 29 8.71 -7.97 4.63
CA LEU A 29 8.06 -7.51 3.41
C LEU A 29 8.37 -8.34 2.17
N VAL A 30 9.58 -8.90 2.07
CA VAL A 30 9.91 -9.71 0.90
C VAL A 30 9.72 -11.21 1.16
N PRO A 31 8.69 -11.81 0.53
CA PRO A 31 8.45 -13.24 0.73
C PRO A 31 9.67 -14.12 0.46
N GLU A 32 10.03 -14.94 1.44
CA GLU A 32 11.19 -15.83 1.37
C GLU A 32 11.32 -16.67 0.11
N ASN A 33 10.29 -17.44 -0.21
CA ASN A 33 10.31 -18.29 -1.40
C ASN A 33 9.01 -18.02 -2.14
N ASP A 34 8.93 -16.86 -2.77
CA ASP A 34 7.72 -16.45 -3.48
C ASP A 34 8.14 -15.48 -4.57
N PRO A 35 9.01 -15.91 -5.50
CA PRO A 35 9.46 -15.03 -6.58
C PRO A 35 8.25 -14.47 -7.31
N THR A 36 7.07 -14.89 -6.86
CA THR A 36 5.80 -14.46 -7.42
C THR A 36 5.39 -13.03 -7.09
N LEU A 37 5.35 -12.76 -5.80
CA LEU A 37 4.97 -11.46 -5.27
C LEU A 37 6.27 -10.84 -4.78
N LEU A 38 6.58 -9.61 -5.20
CA LEU A 38 7.81 -9.03 -4.70
C LEU A 38 7.60 -8.41 -3.35
N PHE A 39 6.34 -8.24 -2.93
CA PHE A 39 6.07 -7.68 -1.63
C PHE A 39 4.80 -8.17 -0.93
N VAL A 40 4.92 -8.43 0.36
CA VAL A 40 3.77 -8.87 1.16
C VAL A 40 2.81 -7.69 1.16
N ASN A 41 1.58 -7.93 0.72
CA ASN A 41 0.57 -6.89 0.66
C ASN A 41 -0.47 -6.95 1.77
N ALA A 42 -0.73 -8.14 2.31
CA ALA A 42 -1.73 -8.30 3.38
C ALA A 42 -1.32 -9.28 4.47
N GLY A 43 -1.94 -9.16 5.65
CA GLY A 43 -1.61 -10.04 6.75
C GLY A 43 -1.63 -11.53 6.43
N MET A 44 -2.61 -11.93 5.63
CA MET A 44 -2.79 -13.32 5.25
C MET A 44 -1.70 -13.96 4.39
N VAL A 45 -1.04 -13.15 3.57
CA VAL A 45 0.03 -13.62 2.65
C VAL A 45 0.92 -14.73 3.19
N PRO A 46 1.53 -14.52 4.37
CA PRO A 46 2.40 -15.54 4.94
C PRO A 46 1.66 -16.80 5.44
N PHE A 47 0.36 -16.67 5.67
CA PHE A 47 -0.44 -17.80 6.15
C PHE A 47 -1.13 -18.49 4.98
N LYS A 48 -0.87 -18.00 3.77
CA LYS A 48 -1.50 -18.55 2.57
C LYS A 48 -1.55 -20.07 2.50
N ASN A 49 -0.39 -20.69 2.56
CA ASN A 49 -0.28 -22.13 2.48
C ASN A 49 -0.91 -22.87 3.63
N VAL A 50 -1.15 -22.16 4.73
CA VAL A 50 -1.76 -22.73 5.92
C VAL A 50 -3.28 -22.69 5.76
N PHE A 51 -3.78 -21.67 5.06
CA PHE A 51 -5.22 -21.54 4.82
C PHE A 51 -5.57 -22.56 3.77
N LEU A 52 -4.59 -22.89 2.96
CA LEU A 52 -4.76 -23.86 1.90
C LEU A 52 -4.80 -25.25 2.52
N GLY A 53 -4.14 -25.42 3.65
CA GLY A 53 -4.13 -26.70 4.32
C GLY A 53 -2.89 -27.48 3.99
N LEU A 54 -2.03 -26.92 3.14
CA LEU A 54 -0.79 -27.58 2.79
C LEU A 54 0.12 -27.50 4.00
N GLU A 55 0.59 -26.29 4.32
CA GLU A 55 1.48 -26.09 5.45
C GLU A 55 0.78 -26.35 6.79
N LYS A 56 1.55 -26.78 7.79
CA LYS A 56 1.03 -27.07 9.11
C LYS A 56 1.44 -25.98 10.08
N ARG A 57 0.63 -25.77 11.10
CA ARG A 57 0.94 -24.77 12.12
C ARG A 57 0.61 -25.38 13.47
N PRO A 58 1.42 -25.08 14.49
CA PRO A 58 1.23 -25.60 15.86
C PRO A 58 -0.09 -25.12 16.45
N TYR A 59 -0.58 -24.00 15.94
CA TYR A 59 -1.79 -23.38 16.45
C TYR A 59 -2.89 -23.27 15.40
N LYS A 60 -4.12 -23.15 15.87
CA LYS A 60 -5.29 -23.02 14.98
C LYS A 60 -5.79 -21.57 14.93
N ARG A 61 -5.34 -20.75 15.87
CA ARG A 61 -5.73 -19.35 15.93
C ARG A 61 -4.50 -18.44 15.94
N ALA A 62 -4.47 -17.45 15.05
CA ALA A 62 -3.32 -16.55 15.01
C ALA A 62 -3.65 -15.07 14.83
N THR A 63 -2.84 -14.22 15.44
CA THR A 63 -3.02 -12.78 15.36
C THR A 63 -1.68 -12.11 15.07
N SER A 64 -1.69 -11.05 14.28
CA SER A 64 -0.45 -10.35 13.98
C SER A 64 -0.67 -9.00 13.34
N CYS A 65 0.39 -8.22 13.35
CA CYS A 65 0.39 -6.90 12.76
C CYS A 65 1.42 -7.10 11.67
N GLN A 66 0.98 -7.01 10.41
CA GLN A 66 1.90 -7.25 9.32
C GLN A 66 2.39 -6.04 8.57
N LYS A 67 3.68 -6.11 8.22
CA LYS A 67 4.34 -5.08 7.43
C LYS A 67 3.78 -5.30 6.03
N CYS A 68 3.13 -4.28 5.46
CA CYS A 68 2.55 -4.39 4.14
C CYS A 68 3.04 -3.38 3.10
N LEU A 69 2.97 -3.78 1.83
CA LEU A 69 3.38 -2.93 0.71
C LEU A 69 2.47 -3.12 -0.51
N ARG A 70 1.65 -2.11 -0.80
CA ARG A 70 0.73 -2.16 -1.93
C ARG A 70 1.19 -1.25 -3.05
N VAL A 71 2.43 -1.37 -3.48
CA VAL A 71 2.94 -0.54 -4.57
C VAL A 71 3.10 -1.55 -5.66
N SER A 72 2.11 -2.40 -5.79
CA SER A 72 2.31 -3.45 -6.73
C SER A 72 1.13 -4.36 -7.10
N GLY A 73 1.06 -4.74 -8.37
CA GLY A 73 0.06 -5.69 -8.86
C GLY A 73 -1.38 -5.37 -8.97
N LYS A 74 -2.19 -6.27 -8.41
CA LYS A 74 -3.63 -6.08 -8.42
C LYS A 74 -3.94 -5.37 -7.11
N HIS A 75 -2.86 -4.96 -6.43
CA HIS A 75 -2.91 -4.23 -5.17
C HIS A 75 -1.71 -3.29 -5.20
N ASN A 76 -1.81 -2.28 -6.05
CA ASN A 76 -0.75 -1.30 -6.28
C ASN A 76 -1.34 0.10 -6.28
N ASP A 77 -1.17 0.83 -5.17
CA ASP A 77 -1.71 2.18 -5.05
C ASP A 77 -0.64 3.28 -5.15
N LEU A 78 0.61 2.92 -5.47
CA LEU A 78 1.67 3.91 -5.57
C LEU A 78 1.23 5.11 -6.38
N GLU A 79 0.40 4.86 -7.39
CA GLU A 79 -0.10 5.90 -8.27
C GLU A 79 -0.89 7.00 -7.55
N GLN A 80 -1.71 6.61 -6.57
CA GLN A 80 -2.53 7.57 -5.83
C GLN A 80 -1.81 8.20 -4.64
N VAL A 81 -0.79 7.53 -4.14
CA VAL A 81 -0.02 8.00 -3.00
C VAL A 81 0.34 9.47 -3.07
N GLY A 82 -0.07 10.22 -2.05
CA GLY A 82 0.18 11.64 -2.01
C GLY A 82 -1.03 12.47 -2.38
N TYR A 83 -1.84 11.97 -3.32
CA TYR A 83 -3.03 12.70 -3.77
C TYR A 83 -4.24 12.54 -2.88
N THR A 84 -4.27 11.46 -2.10
CA THR A 84 -5.38 11.20 -1.19
C THR A 84 -4.83 11.21 0.24
N SER A 85 -5.73 11.13 1.21
CA SER A 85 -5.33 11.11 2.61
C SER A 85 -5.42 9.70 3.21
N ARG A 86 -5.59 8.71 2.34
CA ARG A 86 -5.74 7.31 2.76
C ARG A 86 -4.80 6.31 2.11
N HIS A 87 -4.25 6.67 0.96
CA HIS A 87 -3.36 5.76 0.24
C HIS A 87 -1.89 5.80 0.68
N HIS A 88 -1.28 4.62 0.74
CA HIS A 88 0.12 4.51 1.13
C HIS A 88 0.78 3.38 0.37
N THR A 89 2.11 3.38 0.41
CA THR A 89 2.93 2.35 -0.19
C THR A 89 3.09 1.32 0.92
N PHE A 90 3.57 1.77 2.07
CA PHE A 90 3.75 0.91 3.25
C PHE A 90 2.65 1.15 4.26
N PHE A 91 2.25 0.10 4.98
CA PHE A 91 1.22 0.22 6.00
C PHE A 91 1.14 -1.01 6.86
N GLU A 92 0.41 -0.89 7.96
CA GLU A 92 0.26 -2.00 8.87
C GLU A 92 -1.14 -2.60 8.90
N MET A 93 -1.20 -3.92 8.72
CA MET A 93 -2.46 -4.63 8.76
C MET A 93 -2.57 -5.40 10.06
N LEU A 94 -3.54 -5.04 10.88
CA LEU A 94 -3.76 -5.75 12.14
C LEU A 94 -4.78 -6.84 11.82
N GLY A 95 -4.44 -8.09 12.08
CA GLY A 95 -5.38 -9.15 11.74
C GLY A 95 -5.45 -10.37 12.63
N ASN A 96 -6.62 -11.00 12.63
CA ASN A 96 -6.85 -12.22 13.40
C ASN A 96 -7.25 -13.30 12.40
N PHE A 97 -6.73 -14.51 12.58
CA PHE A 97 -7.03 -15.58 11.65
C PHE A 97 -7.42 -16.89 12.30
N SER A 98 -8.28 -17.64 11.61
CA SER A 98 -8.75 -18.91 12.08
C SER A 98 -8.41 -19.98 11.04
N PHE A 99 -7.82 -21.07 11.51
CA PHE A 99 -7.40 -22.16 10.65
C PHE A 99 -8.31 -23.38 10.86
N GLY A 100 -9.50 -23.32 10.28
CA GLY A 100 -10.45 -24.40 10.42
C GLY A 100 -10.98 -24.52 11.84
N ASP A 101 -10.89 -23.42 12.60
CA ASP A 101 -11.38 -23.42 13.98
C ASP A 101 -12.68 -22.59 14.07
N TYR A 102 -12.66 -21.47 14.80
CA TYR A 102 -13.86 -20.63 14.94
C TYR A 102 -14.20 -19.98 13.58
N PHE A 103 -15.46 -19.60 13.39
CA PHE A 103 -15.89 -19.01 12.11
C PHE A 103 -16.67 -17.70 12.24
N LYS A 104 -17.69 -17.54 11.40
CA LYS A 104 -18.51 -16.32 11.38
C LYS A 104 -18.86 -15.69 12.71
N LYS A 105 -19.69 -16.37 13.49
CA LYS A 105 -20.12 -15.84 14.78
C LYS A 105 -18.93 -15.36 15.62
N GLU A 106 -18.04 -16.27 15.96
CA GLU A 106 -16.88 -15.90 16.77
C GLU A 106 -16.12 -14.73 16.16
N ALA A 107 -15.95 -14.74 14.85
CA ALA A 107 -15.26 -13.66 14.13
C ALA A 107 -15.95 -12.35 14.42
N ILE A 108 -17.27 -12.37 14.29
CA ILE A 108 -18.12 -11.21 14.52
C ILE A 108 -18.13 -10.76 15.98
N GLU A 109 -18.10 -11.70 16.92
CA GLU A 109 -18.12 -11.36 18.34
C GLU A 109 -16.87 -10.65 18.81
N TYR A 110 -15.71 -11.21 18.48
CA TYR A 110 -14.44 -10.61 18.89
C TYR A 110 -14.25 -9.25 18.23
N ALA A 111 -14.71 -9.13 16.99
CA ALA A 111 -14.58 -7.87 16.27
C ALA A 111 -15.45 -6.83 16.94
N TRP A 112 -16.69 -7.21 17.24
CA TRP A 112 -17.65 -6.32 17.87
C TRP A 112 -17.27 -5.94 19.29
N GLU A 113 -16.53 -6.81 19.96
CA GLU A 113 -16.14 -6.52 21.33
C GLU A 113 -14.95 -5.58 21.41
N PHE A 114 -14.02 -5.74 20.48
CA PHE A 114 -12.81 -4.94 20.45
C PHE A 114 -13.10 -3.52 19.99
N VAL A 115 -14.08 -3.37 19.10
CA VAL A 115 -14.44 -2.04 18.60
C VAL A 115 -15.19 -1.28 19.69
N THR A 116 -16.12 -1.97 20.32
CA THR A 116 -16.97 -1.39 21.33
C THR A 116 -16.48 -1.36 22.77
N GLU A 117 -15.66 -2.34 23.16
CA GLU A 117 -15.17 -2.38 24.53
C GLU A 117 -13.67 -2.14 24.71
N VAL A 118 -12.91 -2.12 23.62
CA VAL A 118 -11.47 -1.87 23.72
C VAL A 118 -11.11 -0.53 23.09
N LEU A 119 -11.60 -0.29 21.87
CA LEU A 119 -11.34 0.98 21.17
C LEU A 119 -12.31 2.04 21.66
N LYS A 120 -13.42 1.59 22.26
CA LYS A 120 -14.43 2.48 22.81
C LYS A 120 -15.21 3.33 21.80
N LEU A 121 -15.58 2.76 20.66
CA LEU A 121 -16.36 3.52 19.67
C LEU A 121 -17.84 3.28 20.00
N PRO A 122 -18.71 4.28 19.74
CA PRO A 122 -20.15 4.15 20.02
C PRO A 122 -20.89 3.13 19.14
N LYS A 123 -21.75 2.32 19.74
CA LYS A 123 -22.49 1.30 19.00
C LYS A 123 -23.51 1.91 18.03
N GLU A 124 -23.76 3.22 18.19
CA GLU A 124 -24.72 3.92 17.34
C GLU A 124 -24.14 4.48 16.04
N LYS A 125 -22.85 4.81 16.04
CA LYS A 125 -22.26 5.35 14.81
C LYS A 125 -21.57 4.25 14.03
N LEU A 126 -21.87 3.00 14.38
CA LEU A 126 -21.24 1.87 13.71
C LEU A 126 -22.19 1.17 12.75
N TYR A 127 -21.68 0.86 11.56
CA TYR A 127 -22.44 0.20 10.51
C TYR A 127 -21.67 -1.04 10.11
N VAL A 128 -22.37 -2.06 9.61
CA VAL A 128 -21.72 -3.28 9.16
C VAL A 128 -22.33 -3.65 7.81
N SER A 129 -21.53 -4.23 6.94
CA SER A 129 -22.03 -4.61 5.63
C SER A 129 -22.00 -6.11 5.53
N VAL A 130 -22.96 -6.68 4.81
CA VAL A 130 -23.01 -8.12 4.62
C VAL A 130 -23.23 -8.48 3.16
N TYR A 131 -22.82 -9.70 2.84
CA TYR A 131 -22.95 -10.32 1.53
C TYR A 131 -24.48 -10.39 1.42
N LYS A 132 -25.06 -9.89 0.33
CA LYS A 132 -26.51 -9.89 0.23
C LYS A 132 -27.24 -11.20 0.55
N ASP A 133 -26.73 -12.33 0.08
CA ASP A 133 -27.40 -13.59 0.40
C ASP A 133 -26.68 -14.28 1.57
N ASP A 134 -26.07 -13.47 2.42
CA ASP A 134 -25.38 -14.00 3.59
C ASP A 134 -26.39 -13.98 4.72
N GLU A 135 -27.29 -14.97 4.74
CA GLU A 135 -28.31 -15.04 5.77
C GLU A 135 -27.73 -15.29 7.14
N GLU A 136 -26.67 -16.08 7.19
CA GLU A 136 -25.99 -16.41 8.43
C GLU A 136 -25.38 -15.16 9.03
N ALA A 137 -24.59 -14.45 8.22
CA ALA A 137 -23.93 -13.22 8.67
C ALA A 137 -24.90 -12.17 9.16
N TYR A 138 -25.90 -11.84 8.34
CA TYR A 138 -26.89 -10.82 8.70
C TYR A 138 -27.58 -11.17 10.01
N ARG A 139 -28.01 -12.43 10.11
CA ARG A 139 -28.71 -12.91 11.28
C ARG A 139 -27.89 -12.69 12.55
N ILE A 140 -26.64 -13.14 12.54
CA ILE A 140 -25.76 -12.98 13.70
C ILE A 140 -25.47 -11.51 14.00
N TRP A 141 -25.35 -10.69 12.96
CA TRP A 141 -25.10 -9.27 13.15
C TRP A 141 -26.32 -8.61 13.79
N ASN A 142 -27.50 -8.91 13.24
CA ASN A 142 -28.76 -8.32 13.71
C ASN A 142 -29.39 -8.96 14.95
N GLU A 143 -29.21 -10.26 15.14
CA GLU A 143 -29.81 -10.94 16.29
C GLU A 143 -28.84 -11.18 17.44
N HIS A 144 -27.68 -11.74 17.15
CA HIS A 144 -26.71 -12.00 18.20
C HIS A 144 -26.03 -10.74 18.69
N ILE A 145 -25.51 -9.93 17.78
CA ILE A 145 -24.84 -8.71 18.18
C ILE A 145 -25.85 -7.67 18.63
N GLY A 146 -26.92 -7.52 17.86
CA GLY A 146 -27.94 -6.54 18.19
C GLY A 146 -27.82 -5.30 17.31
N ILE A 147 -27.37 -5.49 16.07
CA ILE A 147 -27.25 -4.36 15.16
C ILE A 147 -28.61 -4.02 14.56
N PRO A 148 -29.09 -2.80 14.76
CA PRO A 148 -30.39 -2.42 14.21
C PRO A 148 -30.33 -2.57 12.68
N SER A 149 -31.30 -3.26 12.10
CA SER A 149 -31.34 -3.45 10.64
C SER A 149 -30.97 -2.18 9.86
N GLU A 150 -31.36 -1.02 10.37
CA GLU A 150 -31.06 0.23 9.68
C GLU A 150 -29.56 0.53 9.60
N ARG A 151 -28.77 -0.17 10.41
CA ARG A 151 -27.33 0.00 10.43
C ARG A 151 -26.59 -1.16 9.73
N ILE A 152 -27.32 -2.00 9.00
CA ILE A 152 -26.69 -3.11 8.26
C ILE A 152 -27.00 -3.04 6.75
N TRP A 153 -25.95 -3.04 5.91
CA TRP A 153 -26.16 -3.00 4.46
C TRP A 153 -25.92 -4.36 3.80
N ARG A 154 -26.82 -4.73 2.92
CA ARG A 154 -26.71 -5.97 2.20
C ARG A 154 -26.26 -5.61 0.81
N LEU A 155 -24.98 -5.89 0.54
CA LEU A 155 -24.34 -5.56 -0.72
C LEU A 155 -23.94 -6.77 -1.57
N GLY A 156 -23.58 -6.48 -2.83
CA GLY A 156 -23.21 -7.53 -3.76
C GLY A 156 -21.77 -8.00 -3.80
N GLU A 157 -21.53 -8.95 -4.71
CA GLU A 157 -20.23 -9.58 -4.91
C GLU A 157 -19.01 -8.66 -4.96
N GLU A 158 -19.10 -7.57 -5.72
CA GLU A 158 -17.96 -6.65 -5.83
C GLU A 158 -17.73 -5.91 -4.51
N ASP A 159 -18.64 -6.06 -3.55
CA ASP A 159 -18.49 -5.36 -2.28
C ASP A 159 -18.19 -6.25 -1.09
N ASN A 160 -18.77 -7.45 -1.07
CA ASN A 160 -18.54 -8.36 0.03
C ASN A 160 -18.31 -9.84 -0.32
N PHE A 161 -17.64 -10.08 -1.44
CA PHE A 161 -17.31 -11.45 -1.86
C PHE A 161 -15.81 -11.48 -2.08
N TRP A 162 -15.09 -12.13 -1.17
CA TRP A 162 -13.66 -12.21 -1.29
C TRP A 162 -13.23 -13.50 -2.00
N GLN A 163 -12.05 -13.48 -2.61
CA GLN A 163 -11.49 -14.63 -3.30
C GLN A 163 -9.96 -14.56 -3.26
N MET A 164 -9.32 -15.70 -3.09
CA MET A 164 -7.86 -15.73 -3.05
C MET A 164 -7.33 -15.63 -4.47
N GLY A 165 -8.14 -16.08 -5.43
CA GLY A 165 -7.72 -16.05 -6.82
C GLY A 165 -8.83 -16.44 -7.77
N ASP A 166 -8.48 -16.71 -9.04
CA ASP A 166 -9.46 -17.11 -10.05
C ASP A 166 -10.09 -18.43 -9.63
N VAL A 167 -9.24 -19.34 -9.17
CA VAL A 167 -9.66 -20.64 -8.67
C VAL A 167 -9.21 -20.53 -7.22
N GLY A 168 -10.06 -20.84 -6.27
CA GLY A 168 -9.56 -20.68 -4.92
C GLY A 168 -10.51 -20.57 -3.77
N PRO A 169 -10.00 -20.77 -2.54
CA PRO A 169 -10.90 -20.67 -1.40
C PRO A 169 -11.44 -19.25 -1.43
N CYS A 170 -12.73 -19.11 -1.18
CA CYS A 170 -13.37 -17.82 -1.22
C CYS A 170 -14.61 -17.85 -0.33
N GLY A 171 -15.27 -16.71 -0.23
CA GLY A 171 -16.45 -16.63 0.58
C GLY A 171 -16.83 -15.20 0.85
N PRO A 172 -17.92 -14.99 1.61
CA PRO A 172 -18.48 -13.69 2.00
C PRO A 172 -17.55 -12.95 2.94
N SER A 173 -17.84 -11.67 3.12
CA SER A 173 -17.06 -10.82 4.00
C SER A 173 -17.99 -9.78 4.62
N SER A 174 -17.64 -9.34 5.81
CA SER A 174 -18.43 -8.34 6.52
C SER A 174 -17.49 -7.22 6.93
N GLU A 175 -17.84 -5.98 6.58
CA GLU A 175 -16.98 -4.86 6.92
C GLU A 175 -17.63 -3.93 7.96
N ILE A 176 -16.85 -3.51 8.95
CA ILE A 176 -17.37 -2.62 9.98
C ILE A 176 -16.98 -1.20 9.59
N TYR A 177 -17.97 -0.30 9.51
CA TYR A 177 -17.70 1.09 9.14
C TYR A 177 -18.10 2.03 10.28
N VAL A 178 -17.33 3.09 10.49
CA VAL A 178 -17.68 4.04 11.53
C VAL A 178 -18.22 5.34 10.89
N ASP A 179 -19.39 5.78 11.35
CA ASP A 179 -19.96 7.03 10.84
C ASP A 179 -19.34 8.23 11.54
N ARG A 180 -18.45 8.92 10.84
CA ARG A 180 -17.73 10.07 11.40
C ARG A 180 -18.46 11.42 11.45
N GLY A 181 -19.74 11.47 11.07
CA GLY A 181 -20.45 12.74 11.15
C GLY A 181 -20.98 13.36 9.87
N GLU A 182 -22.00 14.19 10.02
CA GLU A 182 -22.66 14.87 8.90
C GLU A 182 -21.83 15.95 8.20
N GLU A 183 -20.62 16.20 8.69
CA GLU A 183 -19.73 17.18 8.07
C GLU A 183 -18.92 16.47 7.01
N TYR A 184 -19.15 15.17 6.91
CA TYR A 184 -18.44 14.32 5.95
C TYR A 184 -19.52 13.65 5.13
N GLU A 185 -19.14 12.77 4.28
CA GLU A 185 -20.09 12.07 3.41
C GLU A 185 -19.41 10.93 2.66
N GLY A 186 -20.11 9.95 2.22
CA GLY A 186 -19.47 8.87 1.47
C GLY A 186 -18.49 8.03 2.26
N ASP A 187 -17.56 7.50 1.60
CA ASP A 187 -16.65 6.51 2.10
C ASP A 187 -15.59 7.10 3.03
N GLU A 188 -15.91 8.46 3.13
CA GLU A 188 -15.12 9.27 4.05
C GLU A 188 -15.91 9.53 5.35
N ARG A 189 -17.25 9.55 5.26
CA ARG A 189 -18.05 9.73 6.47
C ARG A 189 -18.18 8.36 7.13
N TYR A 190 -18.60 7.37 6.36
CA TYR A 190 -18.70 6.02 6.91
C TYR A 190 -17.40 5.31 6.57
N LEU A 191 -16.39 5.61 7.34
CA LEU A 191 -15.06 5.06 7.16
C LEU A 191 -14.94 3.60 7.54
N GLU A 192 -14.62 2.75 6.57
CA GLU A 192 -14.45 1.33 6.85
C GLU A 192 -13.15 1.19 7.63
N ILE A 193 -13.18 0.42 8.71
CA ILE A 193 -11.98 0.25 9.51
C ILE A 193 -11.64 -1.23 9.73
N TRP A 194 -12.60 -2.10 9.45
CA TRP A 194 -12.34 -3.52 9.60
C TRP A 194 -13.11 -4.33 8.56
N ASN A 195 -12.42 -5.27 7.93
CA ASN A 195 -13.05 -6.15 6.95
C ASN A 195 -12.80 -7.57 7.42
N LEU A 196 -13.89 -8.26 7.69
CA LEU A 196 -13.81 -9.63 8.16
C LEU A 196 -14.15 -10.52 6.95
N VAL A 197 -13.26 -11.46 6.65
CA VAL A 197 -13.41 -12.39 5.51
C VAL A 197 -13.72 -13.84 5.92
N PHE A 198 -14.83 -14.36 5.40
CA PHE A 198 -15.28 -15.72 5.71
C PHE A 198 -14.99 -16.71 4.58
N MET A 199 -13.81 -17.32 4.62
CA MET A 199 -13.45 -18.29 3.58
C MET A 199 -14.31 -19.52 3.76
N GLN A 200 -15.44 -19.54 3.08
CA GLN A 200 -16.35 -20.66 3.23
C GLN A 200 -16.36 -21.61 2.05
N TYR A 201 -16.12 -21.07 0.86
CA TYR A 201 -16.18 -21.90 -0.33
C TYR A 201 -14.93 -22.30 -1.09
N ASN A 202 -15.17 -23.32 -1.92
CA ASN A 202 -14.20 -23.96 -2.78
C ASN A 202 -14.64 -23.59 -4.19
N ARG A 203 -13.89 -22.72 -4.84
CA ARG A 203 -14.23 -22.28 -6.19
C ARG A 203 -13.44 -23.12 -7.18
N ASP A 204 -14.03 -24.21 -7.66
CA ASP A 204 -13.33 -25.09 -8.59
C ASP A 204 -12.80 -24.32 -9.73
N GLU A 205 -12.02 -25.00 -10.56
CA GLU A 205 -11.55 -24.27 -11.68
C GLU A 205 -12.90 -23.80 -12.30
N ASN A 206 -13.87 -24.69 -12.53
CA ASN A 206 -15.14 -24.35 -13.22
C ASN A 206 -15.89 -23.10 -12.80
N GLY A 207 -15.50 -22.55 -11.66
CA GLY A 207 -16.18 -21.39 -11.15
C GLY A 207 -17.26 -21.90 -10.23
N VAL A 208 -17.35 -23.23 -10.11
CA VAL A 208 -18.35 -23.85 -9.23
C VAL A 208 -17.84 -23.85 -7.80
N LEU A 209 -18.67 -23.33 -6.88
CA LEU A 209 -18.33 -23.26 -5.46
C LEU A 209 -18.84 -24.43 -4.64
N THR A 210 -17.97 -24.92 -3.74
CA THR A 210 -18.26 -26.03 -2.84
C THR A 210 -17.90 -25.61 -1.43
N PRO A 211 -18.68 -26.03 -0.42
CA PRO A 211 -18.32 -25.63 0.95
C PRO A 211 -16.98 -26.24 1.31
N LEU A 212 -16.22 -25.57 2.18
CA LEU A 212 -14.94 -26.10 2.62
C LEU A 212 -15.22 -26.97 3.84
N PRO A 213 -14.52 -28.09 3.96
CA PRO A 213 -14.72 -28.99 5.11
C PRO A 213 -14.34 -28.30 6.40
N HIS A 214 -13.31 -27.46 6.32
CA HIS A 214 -12.86 -26.70 7.49
C HIS A 214 -12.69 -25.24 7.10
N PRO A 215 -13.79 -24.47 7.12
CA PRO A 215 -13.73 -23.04 6.77
C PRO A 215 -12.71 -22.26 7.60
N ASN A 216 -12.23 -21.14 7.07
CA ASN A 216 -11.23 -20.34 7.76
C ASN A 216 -11.66 -18.89 7.94
N ILE A 217 -10.95 -18.18 8.82
CA ILE A 217 -11.22 -16.78 9.11
C ILE A 217 -9.94 -15.99 8.84
N ASP A 218 -10.11 -14.81 8.24
CA ASP A 218 -9.00 -13.91 7.89
C ASP A 218 -9.53 -12.49 7.98
N THR A 219 -8.99 -11.68 8.90
CA THR A 219 -9.46 -10.30 9.05
C THR A 219 -8.37 -9.29 8.74
N GLY A 220 -8.77 -8.04 8.54
CA GLY A 220 -7.80 -6.99 8.24
C GLY A 220 -8.26 -5.60 8.64
N MET A 221 -7.48 -4.95 9.50
CA MET A 221 -7.78 -3.60 9.94
C MET A 221 -6.53 -2.75 9.72
N GLY A 222 -6.62 -1.77 8.82
CA GLY A 222 -5.49 -0.89 8.61
C GLY A 222 -5.29 -0.15 9.91
N LEU A 223 -4.05 -0.03 10.35
CA LEU A 223 -3.71 0.64 11.60
C LEU A 223 -3.82 2.16 11.52
N GLU A 224 -3.16 2.75 10.53
CA GLU A 224 -3.15 4.20 10.37
C GLU A 224 -4.57 4.74 10.29
N ARG A 225 -5.39 4.14 9.45
CA ARG A 225 -6.78 4.57 9.31
C ARG A 225 -7.55 4.51 10.62
N ILE A 226 -7.41 3.41 11.35
CA ILE A 226 -8.12 3.29 12.61
C ILE A 226 -7.57 4.28 13.63
N ALA A 227 -6.25 4.49 13.62
CA ALA A 227 -5.68 5.44 14.56
C ALA A 227 -6.24 6.84 14.23
N SER A 228 -6.40 7.14 12.95
CA SER A 228 -6.93 8.43 12.52
C SER A 228 -8.33 8.66 13.09
N VAL A 229 -9.10 7.59 13.23
CA VAL A 229 -10.44 7.69 13.79
C VAL A 229 -10.40 7.99 15.27
N LEU A 230 -9.58 7.24 16.01
CA LEU A 230 -9.47 7.46 17.45
C LEU A 230 -8.81 8.77 17.85
N GLN A 231 -7.92 9.27 17.01
CA GLN A 231 -7.20 10.52 17.28
C GLN A 231 -7.89 11.73 16.67
N GLY A 232 -9.13 11.57 16.24
CA GLY A 232 -9.85 12.67 15.64
C GLY A 232 -9.15 13.41 14.51
N LYS A 233 -8.70 12.67 13.49
CA LYS A 233 -8.05 13.32 12.35
C LYS A 233 -8.85 13.09 11.07
N ASN A 234 -8.67 13.97 10.09
CA ASN A 234 -9.40 13.84 8.82
C ASN A 234 -8.49 13.31 7.72
N SER A 235 -7.33 12.78 8.13
CA SER A 235 -6.35 12.24 7.21
C SER A 235 -5.46 11.26 7.96
N ASN A 236 -4.90 10.29 7.24
CA ASN A 236 -3.99 9.33 7.87
C ASN A 236 -2.62 9.95 8.11
N PHE A 237 -2.31 10.99 7.36
CA PHE A 237 -1.04 11.69 7.46
C PHE A 237 -0.95 12.63 8.67
N GLU A 238 -2.03 12.74 9.41
CA GLU A 238 -2.06 13.62 10.58
C GLU A 238 -2.08 12.83 11.88
N ILE A 239 -1.80 11.53 11.78
CA ILE A 239 -1.78 10.67 12.95
C ILE A 239 -0.43 10.76 13.62
N ASP A 240 -0.39 10.39 14.90
CA ASP A 240 0.83 10.45 15.69
C ASP A 240 2.07 9.91 14.97
N ILE A 241 1.95 8.75 14.33
CA ILE A 241 3.09 8.14 13.68
C ILE A 241 3.45 8.59 12.26
N ILE A 242 2.81 9.60 11.71
CA ILE A 242 3.19 10.03 10.36
C ILE A 242 3.24 11.54 10.18
N PHE A 243 2.58 12.27 11.07
CA PHE A 243 2.56 13.73 11.01
C PHE A 243 3.98 14.31 11.12
N PRO A 244 4.82 13.72 11.98
CA PRO A 244 6.18 14.24 12.11
C PRO A 244 6.95 14.13 10.79
N LEU A 245 6.55 13.18 9.94
CA LEU A 245 7.20 13.02 8.65
C LEU A 245 6.77 14.16 7.73
N ILE A 246 5.54 14.65 7.90
CA ILE A 246 5.07 15.77 7.09
C ILE A 246 5.88 16.96 7.54
N GLN A 247 5.96 17.14 8.86
CA GLN A 247 6.72 18.24 9.44
C GLN A 247 8.14 18.18 8.90
N PHE A 248 8.68 16.96 8.79
CA PHE A 248 10.02 16.74 8.24
C PHE A 248 10.14 17.48 6.92
N GLY A 249 9.12 17.31 6.07
CA GLY A 249 9.13 17.93 4.77
C GLY A 249 9.04 19.45 4.86
N GLU A 250 8.18 19.95 5.74
CA GLU A 250 8.01 21.39 5.91
C GLU A 250 9.33 22.08 6.27
N GLU A 251 10.04 21.51 7.26
CA GLU A 251 11.31 22.05 7.72
C GLU A 251 12.39 22.08 6.66
N VAL A 252 12.56 20.98 5.94
CA VAL A 252 13.57 20.91 4.88
C VAL A 252 13.19 21.75 3.66
N SER A 253 11.92 22.01 3.48
CA SER A 253 11.46 22.79 2.34
C SER A 253 11.25 24.26 2.69
N GLY A 254 10.79 24.53 3.91
CA GLY A 254 10.51 25.89 4.30
C GLY A 254 9.11 26.23 3.81
N LYS A 255 8.37 25.19 3.44
CA LYS A 255 6.99 25.31 2.95
C LYS A 255 6.10 24.75 4.05
N LYS A 256 4.84 25.17 4.08
CA LYS A 256 3.92 24.70 5.11
C LYS A 256 2.80 23.78 4.60
N TYR A 257 2.36 22.89 5.49
CA TYR A 257 1.32 21.91 5.24
C TYR A 257 -0.09 22.50 5.45
N GLY A 258 -0.90 22.52 4.40
CA GLY A 258 -2.25 23.05 4.52
C GLY A 258 -2.49 24.32 3.73
N GLU A 259 -1.44 24.82 3.09
CA GLU A 259 -1.49 26.02 2.29
C GLU A 259 -1.99 25.85 0.84
N LYS A 260 -1.45 24.85 0.14
CA LYS A 260 -1.84 24.61 -1.26
C LYS A 260 -1.76 23.11 -1.56
N PHE A 261 -2.72 22.63 -2.34
CA PHE A 261 -2.78 21.21 -2.69
C PHE A 261 -1.44 20.66 -3.15
N GLU A 262 -0.96 21.16 -4.28
CA GLU A 262 0.31 20.70 -4.84
C GLU A 262 1.38 20.49 -3.77
N THR A 263 1.52 21.45 -2.86
CA THR A 263 2.52 21.35 -1.80
C THR A 263 2.18 20.19 -0.85
N ASP A 264 0.90 20.07 -0.48
CA ASP A 264 0.46 19.02 0.43
C ASP A 264 0.71 17.66 -0.22
N VAL A 265 0.57 17.62 -1.54
CA VAL A 265 0.80 16.39 -2.32
C VAL A 265 2.26 15.95 -2.18
N ALA A 266 3.18 16.89 -2.40
CA ALA A 266 4.60 16.57 -2.29
C ALA A 266 4.94 16.14 -0.87
N LEU A 267 4.45 16.90 0.12
CA LEU A 267 4.73 16.58 1.52
C LEU A 267 4.24 15.19 1.91
N ARG A 268 3.07 14.79 1.42
CA ARG A 268 2.52 13.48 1.73
C ARG A 268 3.33 12.40 1.01
N VAL A 269 3.74 12.70 -0.22
CA VAL A 269 4.56 11.76 -1.00
C VAL A 269 5.82 11.45 -0.21
N ILE A 270 6.52 12.51 0.20
CA ILE A 270 7.76 12.34 0.94
C ILE A 270 7.58 11.51 2.20
N ALA A 271 6.53 11.81 2.98
CA ALA A 271 6.25 11.08 4.22
C ALA A 271 5.95 9.61 4.00
N ASP A 272 5.03 9.31 3.10
CA ASP A 272 4.66 7.93 2.79
C ASP A 272 5.84 7.14 2.24
N HIS A 273 6.65 7.80 1.40
CA HIS A 273 7.81 7.12 0.82
C HIS A 273 8.98 6.96 1.79
N LEU A 274 9.03 7.75 2.85
CA LEU A 274 10.14 7.58 3.79
C LEU A 274 9.96 6.24 4.53
N ARG A 275 8.74 5.98 4.98
CA ARG A 275 8.41 4.72 5.66
C ARG A 275 8.64 3.54 4.71
N ALA A 276 8.15 3.68 3.48
CA ALA A 276 8.30 2.59 2.51
C ALA A 276 9.77 2.19 2.29
N ILE A 277 10.61 3.16 1.96
CA ILE A 277 12.03 2.88 1.72
C ILE A 277 12.80 2.40 2.95
N THR A 278 12.41 2.86 4.13
CA THR A 278 13.07 2.45 5.38
C THR A 278 12.76 0.99 5.72
N PHE A 279 11.49 0.62 5.69
CA PHE A 279 11.10 -0.75 6.00
C PHE A 279 11.54 -1.72 4.90
N ALA A 280 11.60 -1.23 3.66
CA ALA A 280 11.99 -2.07 2.53
C ALA A 280 13.47 -2.41 2.53
N ILE A 281 14.32 -1.40 2.65
CA ILE A 281 15.75 -1.64 2.64
C ILE A 281 16.14 -2.37 3.91
N SER A 282 15.46 -2.06 5.01
CA SER A 282 15.73 -2.72 6.29
C SER A 282 15.46 -4.22 6.18
N ASP A 283 14.51 -4.60 5.32
CA ASP A 283 14.20 -6.02 5.13
C ASP A 283 14.96 -6.68 3.98
N GLY A 284 16.06 -6.05 3.56
CA GLY A 284 16.88 -6.63 2.51
C GLY A 284 16.85 -6.08 1.09
N VAL A 285 15.83 -5.31 0.74
CA VAL A 285 15.79 -4.79 -0.62
C VAL A 285 16.84 -3.73 -0.92
N ILE A 286 17.59 -3.96 -2.00
CA ILE A 286 18.62 -3.01 -2.41
C ILE A 286 18.21 -2.40 -3.75
N PRO A 287 18.29 -1.06 -3.87
CA PRO A 287 17.90 -0.43 -5.13
C PRO A 287 18.64 -1.07 -6.31
N SER A 288 17.98 -1.11 -7.45
CA SER A 288 18.53 -1.69 -8.68
C SER A 288 17.57 -1.42 -9.83
N ASN A 289 17.76 -2.08 -10.96
CA ASN A 289 16.87 -1.81 -12.10
C ASN A 289 15.94 -2.93 -12.50
N GLU A 290 15.79 -3.91 -11.62
CA GLU A 290 14.91 -5.03 -11.90
C GLU A 290 14.23 -5.47 -10.61
N GLY A 291 13.00 -5.94 -10.76
CA GLY A 291 12.20 -6.39 -9.64
C GLY A 291 12.08 -5.47 -8.44
N ARG A 292 12.17 -6.06 -7.25
CA ARG A 292 12.08 -5.33 -5.98
C ARG A 292 12.95 -4.10 -5.97
N GLY A 293 14.20 -4.28 -6.36
CA GLY A 293 15.14 -3.17 -6.39
C GLY A 293 14.64 -1.99 -7.18
N TYR A 294 13.89 -2.27 -8.24
CA TYR A 294 13.35 -1.20 -9.06
C TYR A 294 12.11 -0.58 -8.42
N VAL A 295 11.35 -1.39 -7.69
CA VAL A 295 10.14 -0.92 -7.01
C VAL A 295 10.54 0.19 -6.03
N ILE A 296 11.52 -0.13 -5.18
CA ILE A 296 12.05 0.80 -4.19
C ILE A 296 12.75 1.98 -4.86
N ARG A 297 13.51 1.70 -5.93
CA ARG A 297 14.21 2.76 -6.65
C ARG A 297 13.24 3.79 -7.21
N ARG A 298 12.12 3.33 -7.76
CA ARG A 298 11.12 4.25 -8.29
C ARG A 298 10.52 5.05 -7.14
N ILE A 299 10.40 4.41 -5.98
CA ILE A 299 9.84 5.08 -4.80
C ILE A 299 10.78 6.22 -4.38
N LEU A 300 12.06 5.89 -4.21
CA LEU A 300 13.04 6.89 -3.80
C LEU A 300 13.14 7.96 -4.87
N ARG A 301 12.93 7.55 -6.12
CA ARG A 301 12.99 8.44 -7.28
C ARG A 301 11.84 9.44 -7.19
N ARG A 302 10.67 8.93 -6.85
CA ARG A 302 9.49 9.75 -6.73
C ARG A 302 9.64 10.77 -5.61
N ALA A 303 10.10 10.33 -4.44
CA ALA A 303 10.29 11.25 -3.31
C ALA A 303 11.26 12.37 -3.67
N MET A 304 12.40 12.00 -4.27
CA MET A 304 13.40 12.95 -4.70
C MET A 304 12.80 14.01 -5.61
N ARG A 305 12.07 13.57 -6.63
CA ARG A 305 11.47 14.49 -7.59
C ARG A 305 10.50 15.47 -6.97
N PHE A 306 9.66 15.00 -6.06
CA PHE A 306 8.72 15.92 -5.42
C PHE A 306 9.47 16.84 -4.46
N GLY A 307 10.47 16.29 -3.78
CA GLY A 307 11.27 17.09 -2.86
C GLY A 307 11.90 18.24 -3.62
N TYR A 308 12.41 17.95 -4.80
CA TYR A 308 13.01 19.00 -5.63
C TYR A 308 11.87 19.93 -6.00
N LYS A 309 10.71 19.36 -6.33
CA LYS A 309 9.55 20.18 -6.69
C LYS A 309 9.31 21.24 -5.62
N LEU A 310 9.59 20.84 -4.37
CA LEU A 310 9.42 21.74 -3.23
C LEU A 310 10.53 22.78 -3.15
N GLY A 311 11.58 22.57 -3.93
CA GLY A 311 12.70 23.49 -3.92
C GLY A 311 13.93 22.97 -3.21
N ILE A 312 13.86 21.75 -2.69
CA ILE A 312 14.98 21.13 -1.99
C ILE A 312 16.03 20.64 -2.99
N GLU A 313 17.19 21.29 -2.97
CA GLU A 313 18.33 21.03 -3.87
C GLU A 313 19.43 20.07 -3.41
N ASN A 314 19.43 19.70 -2.13
CA ASN A 314 20.46 18.79 -1.64
C ASN A 314 19.80 17.50 -1.13
N PRO A 315 20.58 16.41 -1.02
CA PRO A 315 20.08 15.12 -0.54
C PRO A 315 19.36 15.38 0.78
N PHE A 316 18.23 14.71 1.03
CA PHE A 316 17.52 14.95 2.28
C PHE A 316 16.76 13.73 2.80
N LEU A 317 16.36 12.84 1.90
CA LEU A 317 15.62 11.64 2.28
C LEU A 317 16.36 10.83 3.32
N TYR A 318 17.69 10.95 3.31
CA TYR A 318 18.51 10.19 4.24
C TYR A 318 18.30 10.67 5.66
N LYS A 319 18.00 11.95 5.82
CA LYS A 319 17.78 12.47 7.15
C LYS A 319 16.44 11.98 7.68
N GLY A 320 15.50 11.73 6.78
CA GLY A 320 14.19 11.25 7.19
C GLY A 320 14.23 9.83 7.76
N VAL A 321 15.16 9.04 7.26
CA VAL A 321 15.29 7.66 7.71
C VAL A 321 15.38 7.60 9.23
N ASP A 322 16.26 8.41 9.82
CA ASP A 322 16.41 8.42 11.28
C ASP A 322 15.11 8.75 12.01
N LEU A 323 14.25 9.52 11.36
CA LEU A 323 12.97 9.87 11.94
C LEU A 323 12.07 8.63 11.94
N VAL A 324 11.99 7.96 10.78
CA VAL A 324 11.16 6.77 10.66
C VAL A 324 11.53 5.74 11.73
N VAL A 325 12.82 5.50 11.92
CA VAL A 325 13.32 4.53 12.90
C VAL A 325 13.00 4.88 14.36
N ASP A 326 13.18 6.14 14.72
CA ASP A 326 12.91 6.56 16.09
C ASP A 326 11.42 6.52 16.41
N ILE A 327 10.59 6.61 15.37
CA ILE A 327 9.14 6.58 15.54
C ILE A 327 8.57 5.17 15.67
N MET A 328 9.02 4.27 14.79
CA MET A 328 8.53 2.89 14.77
C MET A 328 9.44 1.86 15.44
N LYS A 329 10.40 2.31 16.25
CA LYS A 329 11.32 1.38 16.92
C LYS A 329 10.69 0.54 18.02
N GLU A 330 9.70 1.07 18.73
CA GLU A 330 9.05 0.30 19.79
C GLU A 330 8.47 -1.02 19.25
N PRO A 331 7.66 -0.95 18.18
CA PRO A 331 7.07 -2.16 17.60
C PRO A 331 8.02 -2.86 16.62
N TYR A 332 9.05 -2.15 16.19
CA TYR A 332 10.01 -2.70 15.23
C TYR A 332 11.44 -2.44 15.65
N PRO A 333 11.86 -2.96 16.81
CA PRO A 333 13.23 -2.75 17.29
C PRO A 333 14.36 -3.07 16.31
N GLU A 334 14.18 -4.10 15.48
CA GLU A 334 15.24 -4.47 14.54
C GLU A 334 15.70 -3.28 13.69
N LEU A 335 14.82 -2.29 13.54
CA LEU A 335 15.14 -1.10 12.74
C LEU A 335 16.37 -0.35 13.24
N GLU A 336 16.63 -0.37 14.54
CA GLU A 336 17.80 0.36 15.05
C GLU A 336 19.11 -0.30 14.61
N LEU A 337 19.06 -1.59 14.31
CA LEU A 337 20.24 -2.33 13.88
C LEU A 337 20.52 -2.07 12.40
N SER A 338 19.49 -1.71 11.65
CA SER A 338 19.64 -1.41 10.25
C SER A 338 19.58 0.09 9.96
N ARG A 339 19.39 0.88 11.02
CA ARG A 339 19.29 2.33 10.91
C ARG A 339 20.43 2.99 10.12
N GLU A 340 21.68 2.67 10.48
CA GLU A 340 22.83 3.23 9.79
C GLU A 340 23.06 2.60 8.41
N PHE A 341 22.61 1.37 8.23
CA PHE A 341 22.80 0.73 6.92
C PHE A 341 21.77 1.24 5.94
N VAL A 342 20.56 1.45 6.43
CA VAL A 342 19.49 1.97 5.59
C VAL A 342 19.80 3.40 5.21
N LYS A 343 20.32 4.15 6.17
CA LYS A 343 20.64 5.55 5.92
C LYS A 343 21.69 5.70 4.81
N GLY A 344 22.70 4.85 4.84
CA GLY A 344 23.74 4.90 3.83
C GLY A 344 23.24 4.55 2.43
N ILE A 345 22.55 3.43 2.30
CA ILE A 345 22.01 2.99 1.01
C ILE A 345 21.17 4.12 0.43
N VAL A 346 20.35 4.74 1.26
CA VAL A 346 19.47 5.84 0.85
C VAL A 346 20.24 7.10 0.44
N LYS A 347 21.34 7.39 1.13
CA LYS A 347 22.14 8.56 0.80
C LYS A 347 22.91 8.28 -0.48
N GLY A 348 23.36 7.04 -0.65
CA GLY A 348 24.08 6.66 -1.85
C GLY A 348 23.21 6.87 -3.08
N GLU A 349 22.02 6.31 -3.05
CA GLU A 349 21.05 6.45 -4.13
C GLU A 349 20.88 7.94 -4.42
N GLU A 350 20.55 8.71 -3.39
CA GLU A 350 20.34 10.16 -3.50
C GLU A 350 21.53 10.91 -4.09
N LYS A 351 22.68 10.80 -3.44
CA LYS A 351 23.86 11.47 -3.94
C LYS A 351 24.13 10.91 -5.33
N ARG A 352 23.78 9.63 -5.48
CA ARG A 352 23.95 8.92 -6.73
C ARG A 352 22.81 9.19 -7.68
N PHE A 353 21.90 10.20 -7.41
CA PHE A 353 20.85 10.36 -8.40
C PHE A 353 20.39 11.81 -8.56
N ILE A 354 20.54 12.65 -7.59
CA ILE A 354 20.07 14.03 -7.64
C ILE A 354 20.41 14.85 -8.91
N LYS A 355 21.68 14.96 -9.27
CA LYS A 355 22.05 15.76 -10.42
C LYS A 355 21.38 15.36 -11.72
N THR A 356 21.23 14.06 -11.94
CA THR A 356 20.58 13.59 -13.13
C THR A 356 19.09 13.92 -13.12
N LEU A 357 18.47 13.81 -11.94
CA LEU A 357 17.05 14.12 -11.83
C LEU A 357 16.86 15.60 -12.15
N LYS A 358 17.78 16.43 -11.67
CA LYS A 358 17.71 17.87 -11.91
C LYS A 358 17.79 18.23 -13.39
N ALA A 359 18.80 17.70 -14.07
CA ALA A 359 18.95 17.98 -15.50
C ALA A 359 17.80 17.33 -16.26
N GLY A 360 17.32 16.22 -15.74
CA GLY A 360 16.22 15.52 -16.39
C GLY A 360 14.97 16.36 -16.30
N MET A 361 14.74 16.95 -15.13
CA MET A 361 13.57 17.77 -14.96
C MET A 361 13.56 18.96 -15.90
N GLU A 362 14.72 19.57 -16.12
CA GLU A 362 14.82 20.71 -17.03
C GLU A 362 14.46 20.23 -18.44
N TYR A 363 15.05 19.12 -18.85
CA TYR A 363 14.76 18.57 -20.18
C TYR A 363 13.28 18.32 -20.37
N ILE A 364 12.70 17.54 -19.47
CA ILE A 364 11.28 17.18 -19.54
C ILE A 364 10.39 18.41 -19.64
N GLN A 365 10.54 19.33 -18.71
CA GLN A 365 9.75 20.56 -18.73
C GLN A 365 9.85 21.23 -20.10
N GLU A 366 11.08 21.40 -20.57
CA GLU A 366 11.31 22.05 -21.85
C GLU A 366 10.43 21.49 -22.98
N VAL A 367 10.52 20.19 -23.22
CA VAL A 367 9.74 19.53 -24.27
C VAL A 367 8.24 19.66 -24.03
N ILE A 368 7.83 19.61 -22.77
CA ILE A 368 6.42 19.77 -22.41
C ILE A 368 6.00 21.14 -22.94
N GLN A 369 6.75 22.17 -22.55
CA GLN A 369 6.48 23.55 -22.98
C GLN A 369 6.56 23.68 -24.50
N LYS A 370 7.44 22.90 -25.11
CA LYS A 370 7.61 22.90 -26.57
C LYS A 370 6.44 22.18 -27.23
N ALA A 371 5.76 21.36 -26.44
CA ALA A 371 4.64 20.58 -26.93
C ALA A 371 3.37 21.39 -26.99
N LEU A 372 3.01 21.98 -25.85
CA LEU A 372 1.79 22.76 -25.76
C LEU A 372 1.89 24.09 -26.49
N GLU A 373 3.11 24.52 -26.81
CA GLU A 373 3.27 25.76 -27.54
C GLU A 373 2.99 25.42 -29.00
N GLU A 374 3.55 24.29 -29.43
CA GLU A 374 3.38 23.82 -30.80
C GLU A 374 2.05 23.10 -31.05
N GLY A 375 1.19 23.06 -30.02
CA GLY A 375 -0.10 22.41 -30.14
C GLY A 375 -0.12 20.91 -29.96
N ARG A 376 1.02 20.35 -29.57
CA ARG A 376 1.14 18.91 -29.36
C ARG A 376 0.35 18.54 -28.11
N LYS A 377 -0.22 17.34 -28.10
CA LYS A 377 -1.00 16.90 -26.94
C LYS A 377 -0.40 15.70 -26.23
N THR A 378 0.83 15.34 -26.59
CA THR A 378 1.51 14.21 -25.95
C THR A 378 3.02 14.37 -26.09
N LEU A 379 3.77 13.54 -25.37
CA LEU A 379 5.23 13.57 -25.48
C LEU A 379 5.55 12.41 -26.43
N SER A 380 6.38 12.68 -27.42
CA SER A 380 6.77 11.68 -28.42
C SER A 380 7.46 10.46 -27.84
N GLY A 381 7.46 9.37 -28.62
CA GLY A 381 8.12 8.16 -28.18
C GLY A 381 9.59 8.44 -27.98
N LYS A 382 10.13 9.36 -28.78
CA LYS A 382 11.53 9.72 -28.70
C LYS A 382 11.77 10.54 -27.43
N GLU A 383 10.89 11.50 -27.17
CA GLU A 383 11.04 12.33 -25.97
C GLU A 383 10.92 11.51 -24.70
N VAL A 384 10.15 10.42 -24.77
CA VAL A 384 9.98 9.56 -23.59
C VAL A 384 11.22 8.71 -23.43
N PHE A 385 11.65 8.08 -24.54
CA PHE A 385 12.83 7.24 -24.48
C PHE A 385 14.06 8.04 -24.02
N THR A 386 14.21 9.26 -24.52
CA THR A 386 15.36 10.07 -24.12
C THR A 386 15.41 10.30 -22.60
N ALA A 387 14.29 10.69 -22.00
CA ALA A 387 14.27 10.94 -20.55
C ALA A 387 14.32 9.62 -19.78
N TYR A 388 13.87 8.54 -20.42
CA TYR A 388 13.88 7.22 -19.81
C TYR A 388 15.28 6.61 -19.92
N ASP A 389 15.86 6.68 -21.12
CA ASP A 389 17.19 6.12 -21.40
C ASP A 389 18.37 7.05 -21.13
N THR A 390 18.18 8.35 -21.30
CA THR A 390 19.27 9.31 -21.10
C THR A 390 19.33 9.93 -19.69
N TYR A 391 18.17 10.15 -19.07
CA TYR A 391 18.15 10.71 -17.73
C TYR A 391 17.71 9.70 -16.68
N GLY A 392 17.43 8.48 -17.12
CA GLY A 392 17.03 7.40 -16.21
C GLY A 392 15.66 7.43 -15.57
N PHE A 393 14.81 8.37 -15.99
CA PHE A 393 13.47 8.50 -15.44
C PHE A 393 12.59 7.28 -15.65
N PRO A 394 11.91 6.84 -14.59
CA PRO A 394 11.00 5.69 -14.65
C PRO A 394 9.86 6.07 -15.57
N VAL A 395 9.35 5.13 -16.34
CA VAL A 395 8.27 5.40 -17.27
C VAL A 395 7.07 6.04 -16.59
N ASP A 396 6.75 5.62 -15.37
CA ASP A 396 5.61 6.17 -14.62
C ASP A 396 5.88 7.61 -14.14
N LEU A 397 7.14 7.89 -13.79
CA LEU A 397 7.52 9.20 -13.30
C LEU A 397 7.41 10.23 -14.41
N ILE A 398 7.69 9.80 -15.63
CA ILE A 398 7.61 10.67 -16.79
C ILE A 398 6.15 10.99 -17.07
N ASP A 399 5.29 9.98 -16.96
CA ASP A 399 3.87 10.16 -17.20
C ASP A 399 3.23 11.12 -16.18
N GLU A 400 3.61 11.00 -14.92
CA GLU A 400 3.07 11.85 -13.87
C GLU A 400 3.47 13.30 -14.11
N ILE A 401 4.73 13.52 -14.45
CA ILE A 401 5.24 14.84 -14.73
C ILE A 401 4.48 15.43 -15.92
N ALA A 402 4.42 14.68 -17.01
CA ALA A 402 3.70 15.13 -18.20
C ALA A 402 2.23 15.39 -17.89
N ARG A 403 1.68 14.55 -16.99
CA ARG A 403 0.27 14.64 -16.60
C ARG A 403 -0.10 15.97 -15.98
N GLU A 404 0.81 16.54 -15.19
CA GLU A 404 0.53 17.83 -14.54
C GLU A 404 0.27 18.94 -15.54
N LYS A 405 0.73 18.76 -16.78
CA LYS A 405 0.54 19.77 -17.80
C LYS A 405 -0.61 19.45 -18.74
N GLY A 406 -1.31 18.36 -18.48
CA GLY A 406 -2.42 17.95 -19.32
C GLY A 406 -1.93 17.11 -20.49
N LEU A 407 -0.62 16.92 -20.59
CA LEU A 407 -0.04 16.13 -21.67
C LEU A 407 0.21 14.67 -21.31
N GLY A 408 0.07 13.80 -22.30
CA GLY A 408 0.28 12.38 -22.08
C GLY A 408 1.48 11.92 -22.87
N ILE A 409 1.80 10.63 -22.83
CA ILE A 409 2.94 10.18 -23.59
C ILE A 409 2.58 9.14 -24.65
N ASP A 410 3.26 9.25 -25.81
CA ASP A 410 3.02 8.35 -26.93
C ASP A 410 3.40 6.93 -26.57
N LEU A 411 2.41 6.16 -26.17
CA LEU A 411 2.59 4.77 -25.76
C LEU A 411 3.08 3.89 -26.91
N GLU A 412 2.44 4.02 -28.07
CA GLU A 412 2.83 3.20 -29.22
C GLU A 412 4.18 3.64 -29.76
N GLY A 413 4.41 4.96 -29.77
CA GLY A 413 5.67 5.49 -30.27
C GLY A 413 6.84 5.14 -29.38
N PHE A 414 6.56 4.96 -28.09
CA PHE A 414 7.59 4.60 -27.12
C PHE A 414 8.03 3.20 -27.50
N GLN A 415 7.04 2.32 -27.58
CA GLN A 415 7.23 0.92 -27.93
C GLN A 415 8.01 0.80 -29.24
N CYS A 416 7.63 1.57 -30.24
CA CYS A 416 8.29 1.53 -31.53
C CYS A 416 9.75 1.92 -31.34
N GLU A 417 9.97 2.93 -30.50
CA GLU A 417 11.31 3.43 -30.19
C GLU A 417 12.07 2.37 -29.40
N LEU A 418 11.34 1.61 -28.57
CA LEU A 418 11.96 0.56 -27.77
C LEU A 418 12.52 -0.55 -28.67
N GLU A 419 11.75 -0.93 -29.68
CA GLU A 419 12.21 -1.97 -30.60
C GLU A 419 13.42 -1.45 -31.38
N GLU A 420 13.31 -0.22 -31.86
CA GLU A 420 14.40 0.38 -32.62
C GLU A 420 15.73 0.24 -31.90
N GLN A 421 15.78 0.70 -30.66
CA GLN A 421 16.99 0.61 -29.87
C GLN A 421 17.46 -0.84 -29.78
N ARG A 422 16.49 -1.74 -29.62
CA ARG A 422 16.78 -3.16 -29.50
C ARG A 422 17.44 -3.71 -30.77
N GLU A 423 16.80 -3.47 -31.92
CA GLU A 423 17.31 -3.92 -33.22
C GLU A 423 18.61 -3.18 -33.53
N ARG A 424 18.75 -2.01 -32.91
CA ARG A 424 19.90 -1.13 -33.07
C ARG A 424 21.05 -1.66 -32.20
N ALA A 425 20.73 -2.00 -30.96
CA ALA A 425 21.71 -2.50 -30.01
C ALA A 425 22.26 -3.85 -30.42
N ARG A 426 21.42 -4.64 -31.11
CA ARG A 426 21.82 -5.96 -31.55
C ARG A 426 22.34 -5.94 -32.98
N LYS A 427 22.85 -4.80 -33.41
CA LYS A 427 23.40 -4.63 -34.75
C LYS A 427 24.51 -3.58 -34.68
N HIS A 428 24.11 -2.31 -34.74
CA HIS A 428 25.04 -1.21 -34.68
C HIS A 428 25.78 -1.22 -33.34
N PRO A 438 19.20 -10.46 -14.35
CA PRO A 438 19.04 -10.08 -15.75
C PRO A 438 17.59 -9.92 -16.19
N VAL A 439 17.38 -8.99 -17.13
CA VAL A 439 16.08 -8.65 -17.70
C VAL A 439 15.84 -9.43 -18.97
N TYR A 440 14.62 -9.93 -19.11
CA TYR A 440 14.29 -10.74 -20.23
C TYR A 440 12.86 -10.44 -20.71
N SER A 441 12.77 -9.62 -21.75
CA SER A 441 11.50 -9.19 -22.31
C SER A 441 11.03 -9.97 -23.54
N HIS A 442 9.81 -9.65 -23.98
CA HIS A 442 9.15 -10.24 -25.14
C HIS A 442 9.03 -9.05 -26.07
N LEU A 443 8.99 -9.26 -27.38
CA LEU A 443 8.86 -8.13 -28.29
C LEU A 443 7.39 -7.73 -28.35
N LYS A 444 7.14 -6.42 -28.31
CA LYS A 444 5.79 -5.87 -28.31
C LYS A 444 5.28 -5.87 -26.89
N GLU A 445 6.13 -6.31 -25.97
CA GLU A 445 5.81 -6.36 -24.56
C GLU A 445 6.94 -5.59 -23.88
N LEU A 446 7.80 -5.00 -24.71
CA LEU A 446 8.92 -4.20 -24.25
C LEU A 446 8.34 -2.94 -23.63
N GLY A 447 7.27 -2.44 -24.24
CA GLY A 447 6.62 -1.25 -23.74
C GLY A 447 6.06 -1.45 -22.35
N LYS A 448 5.49 -2.63 -22.12
CA LYS A 448 4.92 -2.97 -20.82
C LYS A 448 6.01 -3.25 -19.80
N THR A 449 6.95 -4.13 -20.14
CA THR A 449 8.04 -4.47 -19.23
C THR A 449 8.76 -3.20 -18.74
N SER A 450 9.09 -2.31 -19.67
CA SER A 450 9.81 -1.06 -19.35
C SER A 450 9.27 -0.24 -18.17
N ALA A 451 7.97 -0.34 -17.93
CA ALA A 451 7.36 0.40 -16.83
C ALA A 451 7.75 -0.28 -15.53
N PHE A 452 8.42 -1.43 -15.65
CA PHE A 452 8.80 -2.19 -14.47
C PHE A 452 10.29 -2.36 -14.27
N VAL A 453 11.07 -1.89 -15.24
CA VAL A 453 12.52 -1.99 -15.15
C VAL A 453 13.11 -0.68 -15.64
N GLY A 454 14.43 -0.53 -15.48
CA GLY A 454 15.10 0.67 -15.93
C GLY A 454 15.55 0.55 -17.37
N ALA A 455 15.63 1.69 -18.06
CA ALA A 455 16.04 1.70 -19.47
C ALA A 455 17.28 0.84 -19.66
N ALA A 456 18.19 0.91 -18.71
CA ALA A 456 19.40 0.10 -18.79
C ALA A 456 19.04 -1.39 -18.83
N ALA A 457 17.91 -1.74 -18.23
CA ALA A 457 17.47 -3.13 -18.19
C ALA A 457 17.01 -3.65 -19.55
N LEU A 458 16.29 -2.83 -20.32
CA LEU A 458 15.84 -3.25 -21.64
C LEU A 458 16.86 -2.83 -22.69
#